data_5BOP
#
_entry.id   5BOP
#
_cell.length_a   54.920
_cell.length_b   62.860
_cell.length_c   95.110
_cell.angle_alpha   90.00
_cell.angle_beta   96.22
_cell.angle_gamma   90.00
#
_symmetry.space_group_name_H-M   'P 1 21 1'
#
loop_
_entity.id
_entity.type
_entity.pdbx_description
1 polymer Nanobody
2 polymer 'Octarellin V.1'
3 water water
#
loop_
_entity_poly.entity_id
_entity_poly.type
_entity_poly.pdbx_seq_one_letter_code
_entity_poly.pdbx_strand_id
1 'polypeptide(L)'
;QVQLQESGGGLVQAGGSLRLSCAASGGTFSTYGMGWFRQAPGKEREFVAASSWTGANTYYADSVRGRFTISRDNAKNTVY
LEMNSLKPEDTAVYYCAARRWLGGSYFDPGNYDFWGQGTQVTVSSHHHHHHEPEA
;
A,C
2 'polypeptide(L)'
;MAFLIVKGPSEKDLNPAVQIANEQDPSAIAFLKQFARNHEKAERFFELLVREGVEAIIIARGVSEREIEQAAKLAREKGF
EALAFLAEYERRDRQFDDIIEYFERYGFKAVIVATGLDEKELKQAAQKIEEKGFKALAFSGRIDQENHNINDIFELLQRQ
GLRAIIAATGLSERELSWAQRAAQQYGLDIIFANGQFDEQDNRFKHFLEPIRRQGAA
;
B,D
#
# COMPACT_ATOMS: atom_id res chain seq x y z
N VAL A 2 0.36 7.38 -17.15
CA VAL A 2 1.12 6.14 -17.03
C VAL A 2 2.09 5.98 -18.20
N GLN A 3 3.32 5.61 -17.89
CA GLN A 3 4.34 5.26 -18.90
C GLN A 3 4.83 3.84 -18.64
N LEU A 4 4.98 3.05 -19.70
CA LEU A 4 5.38 1.65 -19.59
C LEU A 4 6.51 1.34 -20.54
N GLN A 5 7.43 0.46 -20.13
CA GLN A 5 8.51 0.04 -21.03
C GLN A 5 8.95 -1.39 -20.77
N GLU A 6 8.82 -2.20 -21.80
CA GLU A 6 9.18 -3.61 -21.79
C GLU A 6 10.66 -3.80 -22.00
N SER A 7 11.18 -4.92 -21.52
CA SER A 7 12.50 -5.38 -21.92
C SER A 7 12.56 -6.90 -21.77
N GLY A 8 13.63 -7.51 -22.29
CA GLY A 8 13.86 -8.93 -22.09
C GLY A 8 13.53 -9.85 -23.25
N GLY A 9 12.98 -9.30 -24.31
CA GLY A 9 12.60 -10.11 -25.46
C GLY A 9 13.82 -10.58 -26.21
N GLY A 10 13.62 -11.49 -27.16
CA GLY A 10 14.71 -11.95 -28.00
C GLY A 10 14.47 -13.33 -28.60
N LEU A 11 15.55 -14.00 -28.97
CA LEU A 11 15.47 -15.30 -29.60
C LEU A 11 15.79 -16.43 -28.63
N VAL A 12 14.94 -17.46 -28.65
CA VAL A 12 15.12 -18.58 -27.75
C VAL A 12 14.69 -19.89 -28.42
N GLN A 13 15.26 -21.01 -27.98
CA GLN A 13 14.94 -22.31 -28.57
C GLN A 13 13.73 -22.89 -27.86
N ALA A 14 12.97 -23.73 -28.56
CA ALA A 14 11.84 -24.43 -27.96
C ALA A 14 12.31 -25.13 -26.70
N GLY A 15 11.48 -25.08 -25.66
CA GLY A 15 11.84 -25.64 -24.36
C GLY A 15 12.70 -24.69 -23.55
N GLY A 16 13.18 -23.63 -24.19
CA GLY A 16 14.01 -22.65 -23.51
C GLY A 16 13.17 -21.73 -22.65
N SER A 17 13.85 -20.92 -21.84
CA SER A 17 13.19 -19.96 -20.95
C SER A 17 13.57 -18.53 -21.31
N LEU A 18 12.74 -17.59 -20.88
CA LEU A 18 12.97 -16.20 -21.19
C LEU A 18 12.17 -15.39 -20.17
N ARG A 19 12.75 -14.30 -19.67
CA ARG A 19 12.08 -13.49 -18.66
C ARG A 19 11.81 -12.08 -19.15
N LEU A 20 10.54 -11.70 -19.16
CA LEU A 20 10.20 -10.36 -19.58
C LEU A 20 10.07 -9.41 -18.39
N SER A 21 10.42 -8.14 -18.62
CA SER A 21 10.25 -7.08 -17.63
C SER A 21 9.47 -5.94 -18.21
N CYS A 22 8.65 -5.31 -17.38
CA CYS A 22 7.99 -4.09 -17.76
C CYS A 22 8.06 -3.08 -16.61
N ALA A 23 8.74 -1.97 -16.85
CA ALA A 23 8.83 -0.89 -15.86
C ALA A 23 7.64 0.07 -16.03
N ALA A 24 6.92 0.33 -14.95
CA ALA A 24 5.76 1.23 -15.01
C ALA A 24 5.96 2.51 -14.19
N SER A 25 5.50 3.62 -14.73
CA SER A 25 5.42 4.85 -13.94
C SER A 25 3.93 5.23 -13.84
N GLY A 26 3.56 5.80 -12.71
CA GLY A 26 2.18 6.13 -12.45
C GLY A 26 1.86 5.55 -11.09
N GLY A 27 0.74 5.95 -10.53
CA GLY A 27 0.42 5.54 -9.18
C GLY A 27 -0.22 4.16 -9.07
N THR A 28 -0.49 3.77 -7.83
CA THR A 28 -1.08 2.50 -7.52
C THR A 28 -2.46 2.35 -8.16
N PHE A 29 -3.29 3.39 -8.08
CA PHE A 29 -4.63 3.33 -8.69
C PHE A 29 -4.55 3.02 -10.18
N SER A 30 -3.72 3.76 -10.90
CA SER A 30 -3.68 3.64 -12.35
C SER A 30 -2.99 2.35 -12.85
N THR A 31 -2.15 1.77 -12.01
CA THR A 31 -1.40 0.55 -12.39
C THR A 31 -1.78 -0.61 -11.48
N TYR A 32 -2.96 -0.54 -10.85
CA TYR A 32 -3.36 -1.56 -9.88
C TYR A 32 -3.25 -2.97 -10.47
N GLY A 33 -3.73 -3.12 -11.71
CA GLY A 33 -3.56 -4.35 -12.45
C GLY A 33 -2.54 -4.15 -13.56
N MET A 34 -1.64 -5.12 -13.70
CA MET A 34 -0.67 -5.10 -14.78
C MET A 34 -0.76 -6.40 -15.57
N GLY A 35 -0.76 -6.29 -16.89
CA GLY A 35 -0.94 -7.48 -17.71
C GLY A 35 0.04 -7.59 -18.85
N TRP A 36 0.15 -8.81 -19.37
CA TRP A 36 0.93 -9.08 -20.56
C TRP A 36 -0.02 -9.57 -21.64
N PHE A 37 0.10 -8.98 -22.83
CA PHE A 37 -0.64 -9.42 -24.02
C PHE A 37 0.38 -9.73 -25.10
N ARG A 38 -0.01 -10.46 -26.14
CA ARG A 38 0.89 -10.76 -27.24
C ARG A 38 0.18 -10.78 -28.59
N GLN A 39 0.92 -10.44 -29.65
CA GLN A 39 0.37 -10.45 -31.01
C GLN A 39 1.34 -11.01 -32.04
N ALA A 40 0.89 -12.06 -32.73
CA ALA A 40 1.60 -12.65 -33.86
C ALA A 40 1.06 -12.08 -35.19
N PRO A 41 1.86 -12.14 -36.26
CA PRO A 41 1.40 -11.57 -37.54
C PRO A 41 0.07 -12.14 -38.04
N GLY A 42 -0.84 -11.25 -38.43
CA GLY A 42 -2.13 -11.67 -38.93
C GLY A 42 -3.13 -11.96 -37.83
N LYS A 43 -2.66 -12.04 -36.59
CA LYS A 43 -3.53 -12.45 -35.48
C LYS A 43 -3.83 -11.26 -34.56
N GLU A 44 -4.91 -11.38 -33.79
CA GLU A 44 -5.29 -10.36 -32.82
C GLU A 44 -4.43 -10.38 -31.57
N ARG A 45 -4.22 -9.22 -30.98
CA ARG A 45 -3.54 -9.12 -29.70
C ARG A 45 -4.37 -9.88 -28.67
N GLU A 46 -3.75 -10.83 -27.98
CA GLU A 46 -4.46 -11.69 -27.04
C GLU A 46 -3.86 -11.67 -25.64
N PHE A 47 -4.71 -11.94 -24.66
CA PHE A 47 -4.31 -12.01 -23.27
C PHE A 47 -3.30 -13.13 -22.97
N VAL A 48 -2.29 -12.81 -22.16
CA VAL A 48 -1.33 -13.81 -21.71
C VAL A 48 -1.38 -14.06 -20.19
N ALA A 49 -1.09 -13.01 -19.40
CA ALA A 49 -1.07 -13.12 -17.94
C ALA A 49 -1.26 -11.75 -17.31
N ALA A 50 -1.78 -11.72 -16.10
CA ALA A 50 -2.03 -10.44 -15.43
C ALA A 50 -1.99 -10.64 -13.93
N SER A 51 -1.64 -9.59 -13.20
CA SER A 51 -1.56 -9.64 -11.75
C SER A 51 -2.17 -8.38 -11.15
N SER A 52 -2.81 -8.57 -10.01
CA SER A 52 -3.27 -7.44 -9.19
C SER A 52 -2.07 -6.84 -8.48
N TRP A 53 -2.28 -5.76 -7.75
CA TRP A 53 -1.19 -5.09 -7.04
C TRP A 53 -0.52 -5.99 -6.03
N THR A 54 -1.28 -6.68 -5.19
CA THR A 54 -0.63 -7.47 -4.14
C THR A 54 -0.19 -8.86 -4.63
N GLY A 55 -0.65 -9.24 -5.81
CA GLY A 55 -0.40 -10.55 -6.37
C GLY A 55 -1.32 -11.63 -5.85
N ALA A 56 -2.24 -11.25 -4.96
CA ALA A 56 -3.22 -12.19 -4.40
C ALA A 56 -4.21 -12.68 -5.46
N ASN A 57 -4.32 -11.94 -6.57
CA ASN A 57 -5.07 -12.38 -7.73
C ASN A 57 -4.24 -12.34 -9.01
N THR A 58 -3.96 -13.51 -9.57
CA THR A 58 -3.28 -13.57 -10.85
C THR A 58 -4.12 -14.38 -11.85
N TYR A 59 -4.00 -14.02 -13.12
CA TYR A 59 -4.84 -14.60 -14.16
C TYR A 59 -3.97 -15.04 -15.32
N TYR A 60 -4.31 -16.19 -15.91
CA TYR A 60 -3.52 -16.73 -17.00
C TYR A 60 -4.38 -17.23 -18.15
N ALA A 61 -3.88 -17.04 -19.37
CA ALA A 61 -4.46 -17.66 -20.53
C ALA A 61 -4.31 -19.16 -20.35
N ASP A 62 -5.31 -19.92 -20.79
CA ASP A 62 -5.26 -21.37 -20.63
C ASP A 62 -4.06 -21.96 -21.39
N SER A 63 -3.70 -21.33 -22.49
CA SER A 63 -2.61 -21.82 -23.35
C SER A 63 -1.25 -21.69 -22.67
N VAL A 64 -1.24 -21.03 -21.53
CA VAL A 64 0.00 -20.56 -21.01
C VAL A 64 0.24 -20.95 -19.55
N ARG A 65 -0.82 -21.26 -18.82
CA ARG A 65 -0.66 -21.56 -17.39
C ARG A 65 0.16 -22.82 -17.15
N GLY A 66 0.94 -22.79 -16.08
CA GLY A 66 1.89 -23.85 -15.78
C GLY A 66 3.26 -23.52 -16.34
N ARG A 67 3.28 -22.93 -17.53
CA ARG A 67 4.51 -22.59 -18.24
C ARG A 67 4.98 -21.16 -17.95
N PHE A 68 4.03 -20.25 -17.82
CA PHE A 68 4.36 -18.85 -17.57
C PHE A 68 3.98 -18.42 -16.16
N THR A 69 4.78 -17.55 -15.56
CA THR A 69 4.50 -17.07 -14.21
C THR A 69 4.70 -15.56 -14.12
N ILE A 70 3.65 -14.84 -13.72
CA ILE A 70 3.76 -13.40 -13.57
C ILE A 70 4.09 -13.04 -12.12
N SER A 71 4.84 -11.95 -11.93
CA SER A 71 5.15 -11.43 -10.61
C SER A 71 5.42 -9.93 -10.68
N ARG A 72 5.42 -9.29 -9.52
CA ARG A 72 5.59 -7.85 -9.46
C ARG A 72 6.53 -7.44 -8.35
N ASP A 73 7.29 -6.40 -8.63
CA ASP A 73 8.07 -5.71 -7.61
C ASP A 73 7.49 -4.32 -7.54
N ASN A 74 6.61 -4.08 -6.58
CA ASN A 74 5.92 -2.80 -6.47
C ASN A 74 6.83 -1.62 -6.13
N ALA A 75 7.89 -1.88 -5.36
CA ALA A 75 8.84 -0.83 -5.01
C ALA A 75 9.50 -0.21 -6.24
N LYS A 76 9.61 -1.01 -7.30
CA LYS A 76 10.14 -0.51 -8.56
C LYS A 76 9.03 -0.32 -9.58
N ASN A 77 7.79 -0.59 -9.15
CA ASN A 77 6.61 -0.74 -10.01
C ASN A 77 7.01 -1.43 -11.33
N THR A 78 7.58 -2.62 -11.19
CA THR A 78 7.98 -3.44 -12.31
C THR A 78 7.21 -4.76 -12.27
N VAL A 79 6.82 -5.23 -13.44
CA VAL A 79 6.15 -6.52 -13.53
C VAL A 79 7.02 -7.44 -14.40
N TYR A 80 7.09 -8.71 -14.02
CA TYR A 80 7.90 -9.68 -14.75
C TYR A 80 7.02 -10.80 -15.30
N LEU A 81 7.44 -11.38 -16.42
CA LEU A 81 6.80 -12.58 -16.93
C LEU A 81 7.87 -13.65 -17.13
N GLU A 82 7.84 -14.66 -16.28
CA GLU A 82 8.77 -15.76 -16.37
C GLU A 82 8.18 -16.78 -17.31
N MET A 83 8.84 -16.97 -18.46
CA MET A 83 8.37 -17.90 -19.48
C MET A 83 9.24 -19.13 -19.59
N ASN A 84 8.70 -20.28 -19.18
CA ASN A 84 9.43 -21.53 -19.30
C ASN A 84 8.79 -22.43 -20.33
N SER A 85 9.50 -23.48 -20.71
CA SER A 85 9.00 -24.49 -21.63
C SER A 85 8.43 -23.85 -22.90
N LEU A 86 9.12 -22.84 -23.40
CA LEU A 86 8.63 -22.07 -24.53
C LEU A 86 8.39 -22.94 -25.74
N LYS A 87 7.31 -22.61 -26.46
CA LYS A 87 6.88 -23.32 -27.64
C LYS A 87 6.99 -22.37 -28.81
N PRO A 88 7.17 -22.88 -30.03
CA PRO A 88 7.22 -21.97 -31.18
C PRO A 88 5.96 -21.15 -31.37
N GLU A 89 4.82 -21.69 -30.94
CA GLU A 89 3.55 -20.98 -31.06
C GLU A 89 3.49 -19.77 -30.13
N ASP A 90 4.50 -19.64 -29.28
CA ASP A 90 4.62 -18.52 -28.34
C ASP A 90 5.29 -17.33 -29.00
N THR A 91 5.73 -17.51 -30.24
CA THR A 91 6.34 -16.41 -30.99
C THR A 91 5.34 -15.27 -31.20
N ALA A 92 5.74 -14.06 -30.81
CA ALA A 92 4.88 -12.89 -30.88
C ALA A 92 5.59 -11.66 -30.31
N VAL A 93 5.02 -10.50 -30.59
CA VAL A 93 5.40 -9.30 -29.84
C VAL A 93 4.59 -9.26 -28.55
N TYR A 94 5.28 -9.10 -27.42
CA TYR A 94 4.62 -9.10 -26.12
C TYR A 94 4.52 -7.70 -25.59
N TYR A 95 3.30 -7.31 -25.23
CA TYR A 95 3.03 -5.97 -24.70
C TYR A 95 2.66 -6.02 -23.23
N CYS A 96 3.16 -5.09 -22.43
CA CYS A 96 2.65 -4.99 -21.08
C CYS A 96 1.63 -3.85 -21.08
N ALA A 97 0.70 -3.91 -20.14
CA ALA A 97 -0.41 -2.98 -20.11
C ALA A 97 -0.87 -2.75 -18.69
N ALA A 98 -1.44 -1.57 -18.45
CA ALA A 98 -1.88 -1.16 -17.12
C ALA A 98 -3.39 -1.01 -17.07
N ARG A 99 -4.00 -1.59 -16.05
CA ARG A 99 -5.43 -1.53 -15.82
C ARG A 99 -5.72 -0.89 -14.47
N ARG A 100 -6.47 0.20 -14.47
CA ARG A 100 -6.78 0.89 -13.23
C ARG A 100 -7.58 0.00 -12.28
N TRP A 101 -7.48 0.31 -10.99
CA TRP A 101 -8.27 -0.34 -9.96
C TRP A 101 -9.74 -0.29 -10.32
N LEU A 102 -10.46 -1.39 -10.09
CA LEU A 102 -11.88 -1.52 -10.44
C LEU A 102 -12.15 -1.36 -11.94
N GLY A 103 -11.15 -1.63 -12.76
CA GLY A 103 -11.29 -1.48 -14.21
C GLY A 103 -11.98 -2.65 -14.95
N GLY A 104 -12.52 -3.63 -14.22
CA GLY A 104 -13.27 -4.71 -14.88
C GLY A 104 -12.42 -5.96 -15.11
N SER A 105 -12.87 -6.83 -16.01
CA SER A 105 -12.14 -8.07 -16.28
C SER A 105 -10.68 -7.84 -16.69
N TYR A 106 -9.78 -8.52 -16.01
CA TYR A 106 -8.35 -8.51 -16.39
C TYR A 106 -8.07 -9.16 -17.75
N PHE A 107 -9.01 -9.99 -18.22
CA PHE A 107 -8.81 -10.71 -19.50
C PHE A 107 -9.01 -9.80 -20.70
N ASP A 108 -9.74 -8.70 -20.53
CA ASP A 108 -10.15 -7.88 -21.67
C ASP A 108 -9.18 -6.73 -21.93
N PRO A 109 -8.57 -6.72 -23.13
CA PRO A 109 -7.58 -5.68 -23.45
C PRO A 109 -8.18 -4.29 -23.48
N GLY A 110 -9.49 -4.19 -23.74
CA GLY A 110 -10.18 -2.91 -23.70
C GLY A 110 -10.22 -2.29 -22.32
N ASN A 111 -9.97 -3.09 -21.27
CA ASN A 111 -9.97 -2.56 -19.90
C ASN A 111 -8.62 -1.97 -19.47
N TYR A 112 -7.64 -2.04 -20.36
CA TYR A 112 -6.30 -1.54 -20.06
C TYR A 112 -6.11 -0.20 -20.78
N ASP A 113 -5.94 0.87 -20.02
CA ASP A 113 -5.92 2.20 -20.62
C ASP A 113 -4.54 2.58 -21.13
N PHE A 114 -3.51 1.91 -20.65
CA PHE A 114 -2.14 2.25 -21.04
C PHE A 114 -1.34 1.03 -21.46
N TRP A 115 -0.55 1.23 -22.52
CA TRP A 115 0.18 0.15 -23.16
C TRP A 115 1.64 0.47 -23.36
N GLY A 116 2.48 -0.56 -23.26
CA GLY A 116 3.88 -0.49 -23.61
C GLY A 116 4.08 -0.53 -25.11
N GLN A 117 5.35 -0.57 -25.52
CA GLN A 117 5.70 -0.52 -26.93
C GLN A 117 5.93 -1.92 -27.53
N GLY A 118 5.94 -2.95 -26.70
CA GLY A 118 6.08 -4.31 -27.19
C GLY A 118 7.54 -4.79 -27.23
N THR A 119 7.74 -6.08 -26.98
CA THR A 119 9.08 -6.68 -27.09
C THR A 119 8.94 -7.97 -27.91
N GLN A 120 9.78 -8.13 -28.93
CA GLN A 120 9.66 -9.29 -29.80
C GLN A 120 10.15 -10.55 -29.08
N VAL A 121 9.33 -11.59 -29.08
CA VAL A 121 9.77 -12.88 -28.58
C VAL A 121 9.70 -13.90 -29.72
N THR A 122 10.84 -14.47 -30.06
CA THR A 122 10.87 -15.43 -31.16
C THR A 122 11.33 -16.81 -30.69
N VAL A 123 10.50 -17.81 -30.94
CA VAL A 123 10.86 -19.18 -30.60
C VAL A 123 11.01 -19.99 -31.88
N SER A 124 12.21 -20.51 -32.11
CA SER A 124 12.49 -21.22 -33.35
C SER A 124 12.85 -22.69 -33.11
N ALA B 2 -25.59 -6.58 -11.83
CA ALA B 2 -24.39 -5.74 -11.68
C ALA B 2 -24.23 -5.25 -10.24
N PHE B 3 -23.05 -4.74 -9.90
CA PHE B 3 -22.77 -4.27 -8.54
C PHE B 3 -22.84 -2.74 -8.47
N LEU B 4 -23.15 -2.23 -7.29
CA LEU B 4 -23.09 -0.80 -7.00
C LEU B 4 -22.31 -0.56 -5.69
N ILE B 5 -21.29 0.28 -5.73
CA ILE B 5 -20.61 0.64 -4.48
C ILE B 5 -20.99 2.05 -4.11
N VAL B 6 -21.28 2.26 -2.83
CA VAL B 6 -21.86 3.51 -2.35
C VAL B 6 -21.05 4.06 -1.19
N LYS B 7 -20.81 5.36 -1.20
CA LYS B 7 -20.20 6.01 -0.04
C LYS B 7 -21.04 7.23 0.29
N GLY B 8 -21.05 7.62 1.57
CA GLY B 8 -21.82 8.79 1.98
C GLY B 8 -21.19 10.11 1.53
N PRO B 9 -21.93 11.22 1.64
CA PRO B 9 -21.33 12.49 1.22
C PRO B 9 -20.15 12.90 2.08
N SER B 10 -19.18 13.55 1.46
CA SER B 10 -17.97 13.96 2.16
C SER B 10 -17.64 15.41 1.87
N GLU B 11 -16.96 16.06 2.81
CA GLU B 11 -16.47 17.43 2.62
C GLU B 11 -15.66 17.58 1.33
N LYS B 12 -15.03 16.48 0.91
CA LYS B 12 -14.19 16.43 -0.28
C LYS B 12 -14.99 16.57 -1.59
N ARG B 37 -16.10 9.88 -16.04
CA ARG B 37 -16.72 9.95 -14.72
C ARG B 37 -16.42 8.69 -13.90
N ASN B 38 -16.64 7.51 -14.48
CA ASN B 38 -16.34 6.23 -13.81
C ASN B 38 -14.90 6.13 -13.31
N HIS B 39 -13.95 6.58 -14.12
CA HIS B 39 -12.52 6.62 -13.77
C HIS B 39 -12.27 7.50 -12.52
N GLU B 40 -12.71 8.75 -12.58
CA GLU B 40 -12.57 9.67 -11.46
C GLU B 40 -13.35 9.14 -10.27
N LYS B 41 -14.55 8.62 -10.51
CA LYS B 41 -15.35 8.11 -9.41
C LYS B 41 -14.68 6.92 -8.74
N ALA B 42 -14.11 6.01 -9.54
CA ALA B 42 -13.41 4.87 -8.97
C ALA B 42 -12.24 5.35 -8.12
N GLU B 43 -11.55 6.39 -8.56
CA GLU B 43 -10.38 6.86 -7.77
C GLU B 43 -10.84 7.41 -6.40
N ARG B 44 -12.01 8.05 -6.36
CA ARG B 44 -12.54 8.55 -5.09
C ARG B 44 -12.82 7.39 -4.13
N PHE B 45 -13.35 6.28 -4.66
CA PHE B 45 -13.57 5.12 -3.80
C PHE B 45 -12.25 4.44 -3.39
N PHE B 46 -11.29 4.43 -4.30
CA PHE B 46 -9.94 3.93 -3.98
C PHE B 46 -9.39 4.69 -2.76
N GLU B 47 -9.43 6.03 -2.87
CA GLU B 47 -8.87 6.89 -1.83
C GLU B 47 -9.56 6.68 -0.50
N LEU B 48 -10.87 6.44 -0.58
CA LEU B 48 -11.68 6.21 0.59
C LEU B 48 -11.25 4.98 1.36
N LEU B 49 -11.15 3.86 0.66
CA LEU B 49 -10.80 2.60 1.30
C LEU B 49 -9.36 2.67 1.84
N VAL B 50 -8.51 3.39 1.13
CA VAL B 50 -7.15 3.64 1.59
C VAL B 50 -7.16 4.41 2.92
N ARG B 51 -7.95 5.47 3.03
CA ARG B 51 -7.90 6.28 4.26
C ARG B 51 -8.64 5.59 5.40
N GLU B 52 -9.74 4.92 5.08
CA GLU B 52 -10.57 4.35 6.14
C GLU B 52 -9.95 3.12 6.80
N GLY B 53 -9.34 2.26 6.00
CA GLY B 53 -8.76 1.02 6.52
C GLY B 53 -9.67 0.23 7.47
N VAL B 54 -10.89 -0.07 7.02
CA VAL B 54 -11.81 -0.83 7.85
C VAL B 54 -11.24 -2.21 8.19
N GLU B 55 -11.60 -2.72 9.36
CA GLU B 55 -11.06 -3.98 9.84
C GLU B 55 -11.99 -5.13 9.52
N ALA B 56 -13.23 -4.81 9.19
CA ALA B 56 -14.22 -5.84 8.95
C ALA B 56 -15.05 -5.57 7.71
N ILE B 57 -15.45 -6.64 7.02
CA ILE B 57 -16.49 -6.51 6.01
C ILE B 57 -17.67 -7.42 6.36
N ILE B 58 -18.86 -6.84 6.37
CA ILE B 58 -20.08 -7.58 6.66
C ILE B 58 -20.64 -8.12 5.36
N ILE B 59 -20.91 -9.43 5.33
CA ILE B 59 -21.57 -10.03 4.19
C ILE B 59 -22.96 -10.52 4.62
N ALA B 60 -23.99 -9.92 4.04
CA ALA B 60 -25.38 -10.27 4.34
C ALA B 60 -26.19 -10.36 3.05
N ARG B 61 -27.38 -10.95 3.12
CA ARG B 61 -28.24 -11.04 1.95
C ARG B 61 -28.72 -9.68 1.47
N GLY B 62 -29.23 -8.87 2.40
CA GLY B 62 -29.58 -7.50 2.09
C GLY B 62 -31.07 -7.19 2.11
N VAL B 63 -31.87 -8.17 2.50
CA VAL B 63 -33.31 -7.98 2.55
C VAL B 63 -33.77 -7.70 3.99
N SER B 64 -33.34 -8.56 4.90
CA SER B 64 -33.64 -8.40 6.31
C SER B 64 -32.69 -7.42 6.99
N GLU B 65 -33.26 -6.36 7.57
CA GLU B 65 -32.46 -5.37 8.29
C GLU B 65 -31.96 -5.95 9.60
N ARG B 66 -32.75 -6.86 10.17
CA ARG B 66 -32.38 -7.53 11.41
C ARG B 66 -31.03 -8.23 11.29
N GLU B 67 -30.83 -8.92 10.16
CA GLU B 67 -29.61 -9.66 9.90
C GLU B 67 -28.40 -8.72 9.83
N ILE B 68 -28.58 -7.60 9.15
CA ILE B 68 -27.53 -6.59 9.01
C ILE B 68 -27.26 -5.94 10.37
N GLU B 69 -28.32 -5.78 11.15
CA GLU B 69 -28.23 -5.21 12.49
C GLU B 69 -27.40 -6.07 13.43
N GLN B 70 -27.60 -7.38 13.36
CA GLN B 70 -26.86 -8.34 14.18
C GLN B 70 -25.37 -8.32 13.84
N ALA B 71 -25.06 -8.33 12.55
CA ALA B 71 -23.68 -8.38 12.10
C ALA B 71 -22.93 -7.07 12.39
N ALA B 72 -23.65 -5.95 12.30
CA ALA B 72 -23.07 -4.65 12.61
C ALA B 72 -22.67 -4.56 14.07
N LYS B 73 -23.56 -5.03 14.96
CA LYS B 73 -23.27 -5.03 16.39
C LYS B 73 -22.02 -5.85 16.69
N LEU B 74 -21.95 -7.03 16.08
CA LEU B 74 -20.82 -7.93 16.26
C LEU B 74 -19.52 -7.39 15.66
N ALA B 75 -19.57 -6.17 15.15
CA ALA B 75 -18.40 -5.54 14.55
C ALA B 75 -17.96 -4.38 15.44
N ARG B 76 -18.93 -3.62 15.92
CA ARG B 76 -18.69 -2.59 16.91
C ARG B 76 -18.15 -3.20 18.20
N GLU B 77 -18.65 -4.40 18.52
CA GLU B 77 -18.19 -5.14 19.69
C GLU B 77 -16.70 -5.44 19.62
N LYS B 78 -16.17 -5.47 18.40
CA LYS B 78 -14.76 -5.73 18.17
C LYS B 78 -13.99 -4.44 17.92
N GLY B 79 -14.71 -3.32 17.91
CA GLY B 79 -14.10 -2.03 17.64
C GLY B 79 -13.63 -1.93 16.20
N PHE B 80 -14.33 -2.65 15.31
CA PHE B 80 -14.02 -2.68 13.89
C PHE B 80 -14.89 -1.69 13.11
N GLU B 81 -14.26 -0.85 12.30
CA GLU B 81 -14.99 -0.12 11.26
C GLU B 81 -15.32 -1.10 10.15
N ALA B 82 -16.43 -0.85 9.44
CA ALA B 82 -16.91 -1.88 8.52
C ALA B 82 -17.35 -1.38 7.17
N LEU B 83 -17.19 -2.26 6.19
CA LEU B 83 -17.86 -2.12 4.92
C LEU B 83 -19.00 -3.15 4.91
N ALA B 84 -20.08 -2.85 4.21
CA ALA B 84 -21.19 -3.81 4.12
C ALA B 84 -21.34 -4.32 2.70
N PHE B 85 -21.44 -5.64 2.57
CA PHE B 85 -21.63 -6.27 1.27
C PHE B 85 -22.97 -7.01 1.26
N LEU B 86 -23.92 -6.48 0.49
CA LEU B 86 -25.23 -7.09 0.37
C LEU B 86 -25.32 -7.93 -0.91
N ALA B 87 -25.29 -9.25 -0.74
CA ALA B 87 -25.10 -10.20 -1.84
C ALA B 87 -26.36 -10.48 -2.67
N GLU B 88 -27.53 -10.39 -2.04
CA GLU B 88 -28.78 -10.64 -2.76
C GLU B 88 -29.76 -9.48 -2.62
N TYR B 89 -29.27 -8.27 -2.87
CA TYR B 89 -30.07 -7.05 -2.71
C TYR B 89 -31.25 -6.96 -3.70
N GLU B 90 -32.41 -6.61 -3.17
CA GLU B 90 -33.60 -6.36 -3.99
C GLU B 90 -34.03 -4.89 -3.85
N ARG B 91 -34.25 -4.21 -4.98
CA ARG B 91 -34.55 -2.79 -4.94
C ARG B 91 -35.86 -2.47 -4.21
N ARG B 92 -36.86 -3.33 -4.40
CA ARG B 92 -38.22 -3.09 -3.92
C ARG B 92 -38.67 -1.69 -4.32
N ASP B 93 -39.35 -0.98 -3.44
CA ASP B 93 -39.78 0.36 -3.84
C ASP B 93 -39.01 1.42 -3.05
N ARG B 94 -37.87 1.04 -2.52
CA ARG B 94 -37.15 1.94 -1.62
C ARG B 94 -36.21 2.94 -2.32
N GLN B 95 -35.91 2.70 -3.60
CA GLN B 95 -35.00 3.57 -4.33
C GLN B 95 -33.73 3.83 -3.51
N PHE B 96 -33.22 2.77 -2.88
CA PHE B 96 -31.96 2.78 -2.12
C PHE B 96 -31.98 3.57 -0.82
N ASP B 97 -33.16 4.00 -0.40
CA ASP B 97 -33.31 4.70 0.88
C ASP B 97 -32.89 3.79 2.03
N ASP B 98 -33.04 2.48 1.87
CA ASP B 98 -32.61 1.57 2.91
C ASP B 98 -31.07 1.56 3.01
N ILE B 99 -30.37 1.82 1.90
CA ILE B 99 -28.90 1.88 1.98
C ILE B 99 -28.47 3.13 2.75
N ILE B 100 -29.17 4.23 2.51
CA ILE B 100 -28.90 5.48 3.22
C ILE B 100 -29.12 5.31 4.72
N GLU B 101 -30.22 4.67 5.08
CA GLU B 101 -30.52 4.37 6.49
C GLU B 101 -29.42 3.53 7.15
N TYR B 102 -28.80 2.62 6.40
CA TYR B 102 -27.72 1.80 6.94
C TYR B 102 -26.48 2.64 7.28
N PHE B 103 -26.19 3.65 6.45
CA PHE B 103 -25.09 4.56 6.73
C PHE B 103 -25.36 5.30 8.04
N GLU B 104 -26.58 5.82 8.16
CA GLU B 104 -27.01 6.55 9.35
C GLU B 104 -26.99 5.69 10.61
N ARG B 105 -27.60 4.51 10.55
CA ARG B 105 -27.79 3.74 11.76
C ARG B 105 -26.53 2.98 12.19
N TYR B 106 -25.69 2.59 11.24
CA TYR B 106 -24.54 1.75 11.56
C TYR B 106 -23.17 2.37 11.31
N GLY B 107 -23.12 3.40 10.47
CA GLY B 107 -21.85 4.08 10.21
C GLY B 107 -20.90 3.31 9.34
N PHE B 108 -21.45 2.51 8.42
CA PHE B 108 -20.62 1.79 7.45
C PHE B 108 -19.82 2.80 6.62
N LYS B 109 -18.57 2.47 6.32
CA LYS B 109 -17.75 3.37 5.52
C LYS B 109 -18.10 3.26 4.05
N ALA B 110 -18.61 2.11 3.62
CA ALA B 110 -19.10 1.97 2.27
C ALA B 110 -20.08 0.82 2.25
N VAL B 111 -20.90 0.78 1.20
CA VAL B 111 -21.83 -0.33 1.04
C VAL B 111 -21.74 -0.84 -0.39
N ILE B 112 -21.63 -2.14 -0.54
CA ILE B 112 -21.66 -2.73 -1.85
C ILE B 112 -22.98 -3.49 -1.97
N VAL B 113 -23.74 -3.28 -3.03
CA VAL B 113 -24.89 -4.17 -3.25
C VAL B 113 -24.76 -4.92 -4.55
N ALA B 114 -25.03 -6.22 -4.49
CA ALA B 114 -25.06 -7.03 -5.68
C ALA B 114 -26.52 -7.12 -6.13
N THR B 115 -26.79 -6.74 -7.37
CA THR B 115 -28.17 -6.64 -7.86
C THR B 115 -28.46 -7.54 -9.05
N GLY B 116 -29.74 -7.68 -9.38
CA GLY B 116 -30.16 -8.45 -10.54
C GLY B 116 -30.24 -7.57 -11.79
N LEU B 117 -29.88 -6.30 -11.64
CA LEU B 117 -29.91 -5.35 -12.76
C LEU B 117 -28.62 -5.34 -13.58
N ASP B 118 -28.72 -4.98 -14.86
CA ASP B 118 -27.52 -4.76 -15.64
C ASP B 118 -27.00 -3.36 -15.33
N GLU B 119 -25.75 -3.09 -15.69
CA GLU B 119 -25.07 -1.84 -15.37
C GLU B 119 -25.84 -0.57 -15.71
N LYS B 120 -26.38 -0.48 -16.93
CA LYS B 120 -27.06 0.74 -17.38
C LYS B 120 -28.31 1.04 -16.56
N GLU B 121 -29.09 0.02 -16.22
CA GLU B 121 -30.28 0.20 -15.41
C GLU B 121 -29.91 0.53 -13.97
N LEU B 122 -28.80 -0.05 -13.52
CA LEU B 122 -28.32 0.17 -12.15
C LEU B 122 -27.85 1.60 -11.97
N LYS B 123 -27.06 2.09 -12.92
CA LYS B 123 -26.62 3.47 -12.93
C LYS B 123 -27.83 4.41 -12.96
N GLN B 124 -28.85 3.99 -13.73
CA GLN B 124 -30.08 4.76 -13.83
C GLN B 124 -30.81 4.79 -12.49
N ALA B 125 -31.03 3.62 -11.91
CA ALA B 125 -31.73 3.51 -10.63
C ALA B 125 -30.98 4.23 -9.52
N ALA B 126 -29.65 4.25 -9.63
CA ALA B 126 -28.79 4.85 -8.62
C ALA B 126 -28.90 6.36 -8.55
N GLN B 127 -29.35 6.98 -9.65
CA GLN B 127 -29.43 8.44 -9.75
C GLN B 127 -30.19 9.06 -8.57
N LYS B 128 -31.13 8.30 -8.02
CA LYS B 128 -31.95 8.79 -6.92
C LYS B 128 -31.13 9.00 -5.64
N ILE B 129 -30.19 8.10 -5.38
CA ILE B 129 -29.35 8.19 -4.16
C ILE B 129 -28.23 9.21 -4.36
N GLU B 130 -27.82 9.40 -5.61
CA GLU B 130 -26.85 10.45 -5.95
C GLU B 130 -27.47 11.83 -5.82
N GLU B 131 -28.78 11.91 -6.01
CA GLU B 131 -29.50 13.17 -5.84
C GLU B 131 -29.44 13.64 -4.39
N LYS B 132 -29.16 12.73 -3.48
CA LYS B 132 -29.10 13.04 -2.04
C LYS B 132 -27.68 13.29 -1.53
N GLY B 133 -26.69 13.18 -2.41
CA GLY B 133 -25.31 13.49 -2.04
C GLY B 133 -24.40 12.29 -1.93
N PHE B 134 -25.02 11.12 -1.82
CA PHE B 134 -24.28 9.86 -1.74
C PHE B 134 -23.66 9.55 -3.10
N LYS B 135 -22.38 9.19 -3.11
CA LYS B 135 -21.72 8.84 -4.36
C LYS B 135 -21.89 7.34 -4.60
N ALA B 136 -22.19 6.98 -5.84
CA ALA B 136 -22.50 5.60 -6.18
C ALA B 136 -21.84 5.20 -7.49
N LEU B 137 -21.19 4.05 -7.50
CA LEU B 137 -20.52 3.62 -8.71
C LEU B 137 -20.97 2.22 -9.06
N ALA B 138 -21.45 2.07 -10.29
CA ALA B 138 -21.93 0.79 -10.81
C ALA B 138 -20.85 0.07 -11.62
N PHE B 139 -20.74 -1.25 -11.44
CA PHE B 139 -19.88 -2.08 -12.30
C PHE B 139 -20.51 -3.45 -12.54
N SER B 140 -20.18 -4.06 -13.69
CA SER B 140 -20.89 -5.24 -14.20
C SER B 140 -20.61 -6.53 -13.43
N GLY B 141 -21.57 -7.46 -13.40
CA GLY B 141 -21.34 -8.65 -12.62
C GLY B 141 -22.55 -9.28 -11.98
N ARG B 142 -22.36 -10.51 -11.53
CA ARG B 142 -23.37 -11.26 -10.81
C ARG B 142 -22.69 -11.89 -9.60
N ILE B 143 -23.44 -12.05 -8.51
CA ILE B 143 -22.90 -12.53 -7.25
C ILE B 143 -22.26 -13.93 -7.36
N ASP B 144 -22.76 -14.75 -8.29
CA ASP B 144 -22.27 -16.13 -8.43
C ASP B 144 -21.06 -16.25 -9.35
N GLN B 145 -20.82 -15.22 -10.15
CA GLN B 145 -19.77 -15.26 -11.17
C GLN B 145 -18.46 -14.66 -10.70
N GLU B 146 -17.36 -15.23 -11.20
CA GLU B 146 -16.00 -14.67 -11.07
C GLU B 146 -16.01 -13.16 -11.33
N ASN B 147 -15.67 -12.37 -10.33
CA ASN B 147 -15.65 -10.93 -10.53
C ASN B 147 -14.34 -10.26 -10.09
N HIS B 148 -13.63 -9.75 -11.07
CA HIS B 148 -12.32 -9.17 -10.84
C HIS B 148 -12.43 -7.85 -10.07
N ASN B 149 -13.47 -7.08 -10.31
CA ASN B 149 -13.67 -5.84 -9.55
C ASN B 149 -13.92 -6.12 -8.06
N ILE B 150 -14.75 -7.10 -7.74
CA ILE B 150 -14.91 -7.51 -6.35
C ILE B 150 -13.57 -7.99 -5.77
N ASN B 151 -12.75 -8.71 -6.55
CA ASN B 151 -11.42 -9.11 -6.08
C ASN B 151 -10.54 -7.86 -5.80
N ASP B 152 -10.64 -6.83 -6.64
CA ASP B 152 -9.87 -5.60 -6.43
C ASP B 152 -10.26 -4.94 -5.11
N ILE B 153 -11.54 -4.98 -4.79
CA ILE B 153 -12.02 -4.36 -3.57
C ILE B 153 -11.54 -5.14 -2.34
N PHE B 154 -11.74 -6.46 -2.33
CA PHE B 154 -11.27 -7.25 -1.17
C PHE B 154 -9.74 -7.17 -0.99
N GLU B 155 -9.03 -7.20 -2.09
CA GLU B 155 -7.58 -7.13 -2.03
C GLU B 155 -7.12 -5.80 -1.42
N LEU B 156 -7.69 -4.70 -1.91
CA LEU B 156 -7.30 -3.37 -1.41
C LEU B 156 -7.66 -3.25 0.08
N LEU B 157 -8.84 -3.75 0.44
CA LEU B 157 -9.23 -3.82 1.86
C LEU B 157 -8.16 -4.58 2.65
N GLN B 158 -7.74 -5.73 2.12
CA GLN B 158 -6.70 -6.53 2.76
C GLN B 158 -5.40 -5.73 2.91
N ARG B 159 -5.00 -5.04 1.86
CA ARG B 159 -3.78 -4.28 1.85
C ARG B 159 -3.81 -3.19 2.92
N GLN B 160 -5.01 -2.67 3.21
CA GLN B 160 -5.16 -1.54 4.11
C GLN B 160 -5.55 -1.93 5.54
N GLY B 161 -5.64 -3.23 5.82
CA GLY B 161 -5.80 -3.68 7.19
C GLY B 161 -7.00 -4.53 7.56
N LEU B 162 -7.77 -5.00 6.57
CA LEU B 162 -8.92 -5.85 6.84
C LEU B 162 -8.50 -7.04 7.67
N ARG B 163 -9.28 -7.32 8.72
CA ARG B 163 -8.95 -8.41 9.62
C ARG B 163 -9.98 -9.52 9.56
N ALA B 164 -11.24 -9.15 9.35
CA ALA B 164 -12.30 -10.15 9.48
C ALA B 164 -13.45 -9.97 8.52
N ILE B 165 -13.99 -11.12 8.10
CA ILE B 165 -15.27 -11.19 7.42
C ILE B 165 -16.32 -11.58 8.43
N ILE B 166 -17.40 -10.81 8.51
CA ILE B 166 -18.51 -11.13 9.40
C ILE B 166 -19.72 -11.64 8.61
N ALA B 167 -19.94 -12.94 8.68
CA ALA B 167 -21.05 -13.55 7.95
C ALA B 167 -22.33 -13.42 8.76
N ALA B 168 -23.23 -12.57 8.31
CA ALA B 168 -24.52 -12.40 8.98
C ALA B 168 -25.33 -13.67 8.84
N THR B 169 -26.33 -13.81 9.71
CA THR B 169 -27.19 -14.97 9.67
C THR B 169 -27.99 -14.99 8.37
N GLY B 170 -28.23 -16.19 7.84
CA GLY B 170 -29.13 -16.34 6.71
C GLY B 170 -28.50 -16.35 5.32
N LEU B 171 -27.18 -16.32 5.23
CA LEU B 171 -26.53 -16.34 3.93
C LEU B 171 -26.78 -17.65 3.19
N SER B 172 -26.80 -17.59 1.87
CA SER B 172 -26.86 -18.79 1.05
C SER B 172 -25.54 -19.54 1.18
N GLU B 173 -25.55 -20.82 0.84
CA GLU B 173 -24.35 -21.64 0.92
C GLU B 173 -23.31 -21.19 -0.10
N ARG B 174 -23.77 -20.52 -1.15
CA ARG B 174 -22.86 -19.99 -2.14
C ARG B 174 -22.01 -18.90 -1.50
N GLU B 175 -22.65 -17.93 -0.86
CA GLU B 175 -21.95 -16.83 -0.21
C GLU B 175 -21.12 -17.27 0.98
N LEU B 176 -21.64 -18.24 1.73
CA LEU B 176 -20.91 -18.78 2.87
C LEU B 176 -19.63 -19.42 2.40
N SER B 177 -19.74 -20.18 1.32
CA SER B 177 -18.58 -20.84 0.75
C SER B 177 -17.60 -19.84 0.17
N TRP B 178 -18.13 -18.80 -0.49
CA TRP B 178 -17.28 -17.80 -1.10
C TRP B 178 -16.53 -17.04 -0.01
N ALA B 179 -17.23 -16.77 1.09
CA ALA B 179 -16.65 -16.05 2.22
C ALA B 179 -15.48 -16.82 2.83
N GLN B 180 -15.61 -18.14 2.92
CA GLN B 180 -14.58 -18.97 3.52
C GLN B 180 -13.33 -18.98 2.64
N ARG B 181 -13.56 -19.04 1.33
CA ARG B 181 -12.46 -18.97 0.38
C ARG B 181 -11.78 -17.61 0.43
N ALA B 182 -12.57 -16.57 0.63
CA ALA B 182 -12.04 -15.21 0.72
C ALA B 182 -11.21 -15.04 1.98
N ALA B 183 -11.65 -15.64 3.07
CA ALA B 183 -10.93 -15.57 4.33
C ALA B 183 -9.59 -16.27 4.18
N GLN B 184 -9.62 -17.39 3.46
CA GLN B 184 -8.43 -18.18 3.21
C GLN B 184 -7.48 -17.43 2.27
N GLN B 185 -8.04 -16.77 1.27
CA GLN B 185 -7.23 -16.08 0.28
C GLN B 185 -6.52 -14.85 0.86
N TYR B 186 -7.23 -14.08 1.68
CA TYR B 186 -6.67 -12.81 2.15
C TYR B 186 -6.20 -12.90 3.59
N GLY B 187 -6.20 -14.12 4.14
CA GLY B 187 -5.75 -14.34 5.50
C GLY B 187 -6.57 -13.61 6.54
N LEU B 188 -7.89 -13.77 6.47
CA LEU B 188 -8.82 -13.11 7.39
C LEU B 188 -9.45 -14.06 8.38
N ASP B 189 -9.80 -13.55 9.56
CA ASP B 189 -10.68 -14.28 10.47
C ASP B 189 -12.08 -14.27 9.89
N ILE B 190 -12.83 -15.34 10.06
CA ILE B 190 -14.21 -15.35 9.60
C ILE B 190 -15.14 -15.62 10.78
N ILE B 191 -16.09 -14.70 11.00
CA ILE B 191 -16.97 -14.74 12.15
C ILE B 191 -18.43 -14.96 11.75
N PHE B 192 -19.09 -15.90 12.43
CA PHE B 192 -20.51 -16.17 12.19
C PHE B 192 -21.38 -15.66 13.32
N VAL C 2 3.61 -9.43 18.12
CA VAL C 2 4.26 -9.84 16.87
C VAL C 2 4.87 -11.24 17.01
N GLN C 3 4.64 -12.08 16.01
CA GLN C 3 5.29 -13.39 15.96
C GLN C 3 6.12 -13.56 14.69
N LEU C 4 7.33 -14.06 14.83
CA LEU C 4 8.23 -14.19 13.70
C LEU C 4 8.79 -15.60 13.66
N GLN C 5 9.01 -16.11 12.46
CA GLN C 5 9.59 -17.44 12.27
C GLN C 5 10.42 -17.51 11.01
N GLU C 6 11.72 -17.75 11.18
CA GLU C 6 12.63 -17.90 10.04
C GLU C 6 12.58 -19.32 9.50
N SER C 7 12.87 -19.47 8.22
CA SER C 7 13.13 -20.79 7.65
C SER C 7 14.05 -20.67 6.44
N GLY C 8 14.52 -21.82 5.97
CA GLY C 8 15.32 -21.88 4.76
C GLY C 8 16.80 -22.11 5.03
N GLY C 9 17.18 -22.17 6.30
CA GLY C 9 18.56 -22.38 6.66
C GLY C 9 19.07 -23.78 6.38
N GLY C 10 20.37 -23.96 6.48
CA GLY C 10 20.98 -25.26 6.29
C GLY C 10 22.41 -25.13 5.82
N LEU C 11 22.89 -26.19 5.18
CA LEU C 11 24.27 -26.25 4.70
C LEU C 11 24.27 -25.96 3.20
N VAL C 12 25.21 -25.15 2.75
CA VAL C 12 25.29 -24.77 1.36
C VAL C 12 26.76 -24.64 0.93
N GLN C 13 27.03 -24.80 -0.36
CA GLN C 13 28.40 -24.76 -0.86
C GLN C 13 28.85 -23.32 -1.14
N ALA C 14 30.14 -23.04 -0.94
CA ALA C 14 30.70 -21.71 -1.24
C ALA C 14 30.42 -21.34 -2.69
N GLY C 15 30.05 -20.08 -2.92
CA GLY C 15 29.64 -19.63 -4.23
C GLY C 15 28.18 -19.94 -4.53
N GLY C 16 27.56 -20.74 -3.68
CA GLY C 16 26.17 -21.13 -3.83
C GLY C 16 25.16 -20.07 -3.41
N SER C 17 23.89 -20.34 -3.69
CA SER C 17 22.80 -19.43 -3.33
C SER C 17 21.84 -20.06 -2.32
N LEU C 18 21.11 -19.21 -1.61
CA LEU C 18 20.16 -19.65 -0.60
C LEU C 18 19.13 -18.56 -0.32
N ARG C 19 17.87 -18.95 -0.15
CA ARG C 19 16.82 -17.96 0.11
C ARG C 19 16.20 -18.22 1.48
N LEU C 20 16.26 -17.23 2.35
CA LEU C 20 15.67 -17.31 3.69
C LEU C 20 14.25 -16.73 3.67
N SER C 21 13.36 -17.25 4.52
CA SER C 21 11.99 -16.74 4.63
C SER C 21 11.68 -16.36 6.07
N CYS C 22 10.90 -15.31 6.24
CA CYS C 22 10.42 -15.00 7.58
C CYS C 22 8.94 -14.69 7.57
N ALA C 23 8.17 -15.53 8.25
CA ALA C 23 6.74 -15.31 8.38
C ALA C 23 6.49 -14.41 9.58
N ALA C 24 5.81 -13.29 9.34
CA ALA C 24 5.50 -12.33 10.39
C ALA C 24 4.00 -12.21 10.63
N SER C 25 3.61 -12.19 11.89
CA SER C 25 2.25 -11.87 12.25
C SER C 25 2.24 -10.61 13.10
N GLY C 26 1.23 -9.79 12.92
CA GLY C 26 1.15 -8.52 13.59
C GLY C 26 0.85 -7.50 12.54
N GLY C 27 0.43 -6.32 12.96
CA GLY C 27 -0.02 -5.32 12.02
C GLY C 27 1.04 -4.51 11.32
N THR C 28 0.57 -3.63 10.45
CA THR C 28 1.45 -2.78 9.66
C THR C 28 2.32 -1.85 10.52
N PHE C 29 1.74 -1.22 11.54
CA PHE C 29 2.52 -0.35 12.41
C PHE C 29 3.70 -1.09 13.06
N SER C 30 3.42 -2.25 13.68
CA SER C 30 4.43 -2.99 14.43
C SER C 30 5.45 -3.73 13.57
N THR C 31 5.10 -3.99 12.31
CA THR C 31 6.02 -4.69 11.42
C THR C 31 6.43 -3.82 10.25
N TYR C 32 6.31 -2.50 10.41
CA TYR C 32 6.54 -1.58 9.31
C TYR C 32 7.94 -1.81 8.69
N GLY C 33 8.94 -1.96 9.54
CA GLY C 33 10.27 -2.30 9.07
C GLY C 33 10.53 -3.74 9.44
N MET C 34 11.05 -4.52 8.48
CA MET C 34 11.47 -5.89 8.75
C MET C 34 12.93 -6.03 8.37
N GLY C 35 13.70 -6.65 9.25
CA GLY C 35 15.13 -6.75 9.01
C GLY C 35 15.70 -8.12 9.24
N TRP C 36 16.89 -8.33 8.69
CA TRP C 36 17.62 -9.57 8.92
C TRP C 36 18.91 -9.23 9.65
N PHE C 37 19.21 -9.97 10.72
CA PHE C 37 20.47 -9.84 11.44
C PHE C 37 21.17 -11.19 11.46
N ARG C 38 22.48 -11.20 11.72
CA ARG C 38 23.18 -12.47 11.76
C ARG C 38 24.24 -12.44 12.86
N GLN C 39 24.55 -13.62 13.37
CA GLN C 39 25.51 -13.78 14.42
C GLN C 39 26.41 -14.99 14.17
N ALA C 40 27.71 -14.78 14.07
CA ALA C 40 28.64 -15.90 13.97
C ALA C 40 29.08 -16.21 15.39
N PRO C 41 29.52 -17.45 15.64
CA PRO C 41 29.87 -17.81 17.03
C PRO C 41 30.90 -16.86 17.61
N GLY C 42 30.65 -16.41 18.84
CA GLY C 42 31.55 -15.49 19.51
C GLY C 42 31.33 -14.02 19.21
N LYS C 43 30.49 -13.73 18.22
CA LYS C 43 30.30 -12.35 17.77
C LYS C 43 28.94 -11.76 18.16
N GLU C 44 28.86 -10.44 18.14
CA GLU C 44 27.60 -9.74 18.40
C GLU C 44 26.68 -9.88 17.20
N ARG C 45 25.37 -9.88 17.43
CA ARG C 45 24.41 -9.88 16.33
C ARG C 45 24.57 -8.62 15.48
N GLU C 46 24.66 -8.79 14.17
CA GLU C 46 24.94 -7.65 13.30
C GLU C 46 23.91 -7.49 12.20
N PHE C 47 23.72 -6.25 11.75
CA PHE C 47 22.79 -5.95 10.67
C PHE C 47 23.19 -6.61 9.36
N VAL C 48 22.18 -7.14 8.65
CA VAL C 48 22.39 -7.71 7.32
C VAL C 48 21.62 -6.94 6.23
N ALA C 49 20.30 -6.90 6.38
CA ALA C 49 19.45 -6.22 5.41
C ALA C 49 18.08 -5.88 6.04
N ALA C 50 17.43 -4.86 5.52
CA ALA C 50 16.14 -4.46 6.05
C ALA C 50 15.32 -3.72 5.00
N SER C 51 14.00 -3.79 5.15
CA SER C 51 13.11 -3.15 4.20
C SER C 51 11.99 -2.44 4.96
N SER C 52 11.58 -1.29 4.44
CA SER C 52 10.40 -0.59 4.89
C SER C 52 9.17 -1.35 4.39
N TRP C 53 7.98 -0.88 4.78
CA TRP C 53 6.74 -1.60 4.41
C TRP C 53 6.54 -1.73 2.93
N THR C 54 6.70 -0.64 2.19
CA THR C 54 6.46 -0.65 0.75
C THR C 54 7.68 -1.14 -0.03
N GLY C 55 8.83 -1.25 0.63
CA GLY C 55 10.06 -1.61 -0.06
C GLY C 55 10.71 -0.42 -0.72
N ALA C 56 10.11 0.77 -0.57
CA ALA C 56 10.69 1.99 -1.15
C ALA C 56 11.99 2.38 -0.45
N ASN C 57 12.20 1.90 0.77
CA ASN C 57 13.47 2.06 1.42
C ASN C 57 14.03 0.71 1.86
N THR C 58 15.17 0.31 1.28
CA THR C 58 15.87 -0.89 1.73
C THR C 58 17.29 -0.52 2.14
N TYR C 59 17.83 -1.25 3.10
CA TYR C 59 19.15 -0.96 3.66
C TYR C 59 19.95 -2.25 3.72
N TYR C 60 21.24 -2.15 3.43
CA TYR C 60 22.11 -3.34 3.40
C TYR C 60 23.42 -3.08 4.13
N ALA C 61 23.94 -4.08 4.82
CA ALA C 61 25.29 -4.03 5.34
C ALA C 61 26.21 -3.95 4.12
N ASP C 62 27.29 -3.17 4.23
CA ASP C 62 28.23 -3.05 3.12
C ASP C 62 28.86 -4.40 2.74
N SER C 63 29.00 -5.29 3.72
CA SER C 63 29.61 -6.60 3.48
C SER C 63 28.72 -7.52 2.62
N VAL C 64 27.50 -7.07 2.37
CA VAL C 64 26.47 -7.97 1.86
C VAL C 64 25.81 -7.41 0.60
N ARG C 65 25.95 -6.10 0.42
CA ARG C 65 25.32 -5.39 -0.67
C ARG C 65 25.82 -5.93 -2.01
N GLY C 66 24.90 -6.06 -2.96
CA GLY C 66 25.24 -6.66 -4.23
C GLY C 66 25.00 -8.16 -4.26
N ARG C 67 25.30 -8.85 -3.16
CA ARG C 67 25.15 -10.30 -3.09
C ARG C 67 23.82 -10.74 -2.50
N PHE C 68 23.32 -9.99 -1.52
CA PHE C 68 22.05 -10.30 -0.85
C PHE C 68 20.97 -9.29 -1.25
N THR C 69 19.73 -9.77 -1.36
CA THR C 69 18.62 -8.91 -1.73
C THR C 69 17.44 -9.24 -0.82
N ILE C 70 16.91 -8.23 -0.13
CA ILE C 70 15.73 -8.45 0.70
C ILE C 70 14.47 -8.09 -0.09
N SER C 71 13.37 -8.78 0.19
CA SER C 71 12.10 -8.42 -0.43
C SER C 71 10.98 -8.82 0.53
N ARG C 72 9.78 -8.34 0.26
CA ARG C 72 8.62 -8.57 1.12
C ARG C 72 7.39 -8.95 0.30
N ASP C 73 6.59 -9.83 0.85
CA ASP C 73 5.28 -10.09 0.27
C ASP C 73 4.26 -9.74 1.33
N ASN C 74 3.73 -8.53 1.29
CA ASN C 74 2.84 -8.13 2.36
C ASN C 74 1.51 -8.90 2.33
N ALA C 75 1.06 -9.30 1.15
CA ALA C 75 -0.19 -10.08 1.04
C ALA C 75 -0.05 -11.37 1.86
N LYS C 76 1.21 -11.80 2.04
CA LYS C 76 1.54 -12.93 2.90
C LYS C 76 2.21 -12.49 4.22
N ASN C 77 2.43 -11.18 4.37
CA ASN C 77 3.28 -10.61 5.42
C ASN C 77 4.53 -11.48 5.68
N THR C 78 5.24 -11.78 4.59
CA THR C 78 6.47 -12.56 4.64
C THR C 78 7.59 -11.69 4.11
N VAL C 79 8.78 -11.83 4.70
CA VAL C 79 9.96 -11.17 4.17
C VAL C 79 10.99 -12.24 3.74
N TYR C 80 11.70 -11.99 2.65
CA TYR C 80 12.69 -12.93 2.13
C TYR C 80 14.09 -12.35 2.12
N LEU C 81 15.10 -13.20 2.24
CA LEU C 81 16.47 -12.77 1.99
C LEU C 81 17.11 -13.70 0.95
N GLU C 82 17.32 -13.19 -0.26
CA GLU C 82 17.98 -13.96 -1.31
C GLU C 82 19.48 -13.75 -1.18
N MET C 83 20.19 -14.83 -0.85
CA MET C 83 21.64 -14.79 -0.62
C MET C 83 22.39 -15.47 -1.77
N ASN C 84 23.17 -14.71 -2.53
CA ASN C 84 23.97 -15.24 -3.65
C ASN C 84 25.46 -15.16 -3.34
N SER C 85 26.28 -15.87 -4.12
CA SER C 85 27.74 -15.85 -3.97
C SER C 85 28.16 -16.05 -2.53
N LEU C 86 27.53 -17.00 -1.86
CA LEU C 86 27.76 -17.21 -0.45
C LEU C 86 29.22 -17.52 -0.20
N LYS C 87 29.75 -16.94 0.88
CA LYS C 87 31.14 -17.15 1.27
C LYS C 87 31.18 -17.80 2.64
N PRO C 88 32.27 -18.51 2.96
CA PRO C 88 32.35 -19.10 4.31
C PRO C 88 32.20 -18.05 5.42
N GLU C 89 32.56 -16.81 5.13
CA GLU C 89 32.42 -15.73 6.12
C GLU C 89 30.94 -15.42 6.36
N ASP C 90 30.06 -15.97 5.53
CA ASP C 90 28.62 -15.72 5.66
C ASP C 90 27.94 -16.70 6.61
N THR C 91 28.72 -17.66 7.09
CA THR C 91 28.25 -18.64 8.06
C THR C 91 27.83 -17.96 9.36
N ALA C 92 26.60 -18.23 9.79
CA ALA C 92 26.01 -17.55 10.96
C ALA C 92 24.59 -18.03 11.20
N VAL C 93 24.05 -17.69 12.36
CA VAL C 93 22.61 -17.78 12.59
C VAL C 93 21.97 -16.51 12.07
N TYR C 94 20.94 -16.62 11.24
CA TYR C 94 20.27 -15.44 10.71
C TYR C 94 18.93 -15.24 11.40
N TYR C 95 18.71 -14.03 11.91
CA TYR C 95 17.49 -13.72 12.65
C TYR C 95 16.59 -12.78 11.87
N CYS C 96 15.29 -13.03 11.97
CA CYS C 96 14.28 -12.12 11.45
C CYS C 96 13.91 -11.18 12.58
N ALA C 97 13.61 -9.91 12.29
CA ALA C 97 13.26 -8.96 13.35
C ALA C 97 12.37 -7.85 12.81
N ALA C 98 11.49 -7.34 13.67
CA ALA C 98 10.51 -6.34 13.30
C ALA C 98 10.76 -4.98 13.98
N ARG C 99 10.67 -3.92 13.19
CA ARG C 99 10.84 -2.57 13.72
C ARG C 99 9.59 -1.73 13.46
N ARG C 100 8.99 -1.22 14.53
CA ARG C 100 7.77 -0.41 14.42
C ARG C 100 7.99 0.85 13.59
N TRP C 101 6.91 1.34 13.01
CA TRP C 101 6.95 2.60 12.26
C TRP C 101 7.57 3.70 13.13
N LEU C 102 8.41 4.53 12.52
CA LEU C 102 9.14 5.60 13.24
C LEU C 102 10.04 5.07 14.37
N GLY C 103 10.49 3.83 14.25
CA GLY C 103 11.34 3.22 15.28
C GLY C 103 12.82 3.59 15.23
N GLY C 104 13.22 4.54 14.40
CA GLY C 104 14.60 4.98 14.39
C GLY C 104 15.40 4.29 13.28
N SER C 105 16.72 4.31 13.40
CA SER C 105 17.61 3.71 12.40
C SER C 105 17.31 2.23 12.18
N TYR C 106 17.17 1.85 10.92
CA TYR C 106 17.02 0.43 10.58
C TYR C 106 18.30 -0.38 10.87
N PHE C 107 19.45 0.29 10.98
CA PHE C 107 20.72 -0.43 11.20
C PHE C 107 20.91 -0.92 12.64
N ASP C 108 20.20 -0.31 13.59
CA ASP C 108 20.43 -0.58 15.02
C ASP C 108 19.46 -1.65 15.55
N PRO C 109 20.00 -2.78 16.03
CA PRO C 109 19.16 -3.89 16.50
C PRO C 109 18.35 -3.52 17.73
N GLY C 110 18.82 -2.53 18.48
CA GLY C 110 18.09 -2.06 19.64
C GLY C 110 16.75 -1.45 19.26
N ASN C 111 16.59 -1.10 17.99
CA ASN C 111 15.34 -0.52 17.49
C ASN C 111 14.29 -1.56 17.07
N TYR C 112 14.64 -2.85 17.14
CA TYR C 112 13.71 -3.92 16.74
C TYR C 112 13.18 -4.61 18.00
N ASP C 113 11.87 -4.52 18.22
CA ASP C 113 11.29 -5.00 19.47
C ASP C 113 10.98 -6.51 19.47
N PHE C 114 10.90 -7.10 18.27
CA PHE C 114 10.57 -8.52 18.16
C PHE C 114 11.55 -9.27 17.27
N TRP C 115 11.95 -10.46 17.72
CA TRP C 115 12.98 -11.26 17.06
C TRP C 115 12.56 -12.71 16.89
N GLY C 116 12.94 -13.34 15.77
CA GLY C 116 12.75 -14.78 15.62
C GLY C 116 13.84 -15.52 16.37
N GLN C 117 13.81 -16.85 16.35
CA GLN C 117 14.79 -17.64 17.08
C GLN C 117 16.01 -17.94 16.23
N GLY C 118 15.94 -17.62 14.95
CA GLY C 118 17.10 -17.69 14.10
C GLY C 118 17.25 -19.01 13.39
N THR C 119 17.77 -18.94 12.18
CA THR C 119 18.04 -20.13 11.38
C THR C 119 19.51 -20.15 10.98
N GLN C 120 20.18 -21.28 11.26
CA GLN C 120 21.61 -21.42 10.98
C GLN C 120 21.89 -21.62 9.48
N VAL C 121 22.80 -20.82 8.95
CA VAL C 121 23.29 -20.97 7.59
C VAL C 121 24.79 -21.28 7.61
N THR C 122 25.20 -22.45 7.10
CA THR C 122 26.62 -22.80 7.12
C THR C 122 27.12 -22.93 5.69
N VAL C 123 28.16 -22.17 5.37
CA VAL C 123 28.73 -22.18 4.03
C VAL C 123 30.11 -22.84 4.07
N SER C 124 30.29 -23.91 3.30
CA SER C 124 31.57 -24.62 3.32
C SER C 124 32.24 -24.59 1.97
N ALA D 2 17.04 17.07 16.17
CA ALA D 2 15.98 16.06 16.19
C ALA D 2 14.66 16.66 15.72
N PHE D 3 13.69 15.80 15.44
CA PHE D 3 12.41 16.25 14.91
C PHE D 3 11.27 16.27 15.92
N LEU D 4 10.28 17.13 15.66
CA LEU D 4 9.05 17.08 16.42
C LEU D 4 7.89 17.04 15.43
N ILE D 5 7.00 16.06 15.57
CA ILE D 5 5.77 16.07 14.79
C ILE D 5 4.63 16.42 15.73
N VAL D 6 3.78 17.32 15.26
CA VAL D 6 2.71 17.91 16.06
C VAL D 6 1.39 17.73 15.30
N LYS D 7 0.32 17.36 16.00
CA LYS D 7 -1.00 17.27 15.38
C LYS D 7 -2.03 18.09 16.13
N ARG D 37 5.63 5.10 26.08
CA ARG D 37 4.89 6.29 25.70
C ARG D 37 5.10 6.62 24.23
N ASN D 38 6.36 6.65 23.82
CA ASN D 38 6.71 6.92 22.42
C ASN D 38 6.00 5.99 21.47
N HIS D 39 5.95 4.70 21.82
CA HIS D 39 5.29 3.66 21.02
C HIS D 39 3.82 3.98 20.77
N GLU D 40 3.08 4.22 21.84
CA GLU D 40 1.67 4.58 21.75
C GLU D 40 1.50 5.87 20.96
N LYS D 41 2.39 6.82 21.22
CA LYS D 41 2.39 8.11 20.56
C LYS D 41 2.62 7.99 19.06
N ALA D 42 3.62 7.19 18.69
CA ALA D 42 3.93 6.98 17.27
C ALA D 42 2.74 6.33 16.58
N GLU D 43 2.09 5.39 17.25
CA GLU D 43 0.94 4.72 16.64
C GLU D 43 -0.22 5.71 16.44
N ARG D 44 -0.34 6.71 17.32
CA ARG D 44 -1.34 7.76 17.13
C ARG D 44 -1.08 8.56 15.86
N PHE D 45 0.18 8.89 15.61
CA PHE D 45 0.53 9.61 14.39
C PHE D 45 0.45 8.73 13.14
N PHE D 46 0.80 7.45 13.28
CA PHE D 46 0.59 6.50 12.18
C PHE D 46 -0.90 6.56 11.75
N GLU D 47 -1.77 6.38 12.73
CA GLU D 47 -3.22 6.37 12.47
C GLU D 47 -3.70 7.69 11.90
N LEU D 48 -3.10 8.79 12.33
CA LEU D 48 -3.45 10.11 11.82
C LEU D 48 -3.18 10.22 10.33
N LEU D 49 -1.94 9.89 9.95
CA LEU D 49 -1.53 10.01 8.55
C LEU D 49 -2.33 9.05 7.66
N VAL D 50 -2.67 7.88 8.19
CA VAL D 50 -3.49 6.94 7.42
C VAL D 50 -4.83 7.54 7.10
N ARG D 51 -5.52 8.06 8.12
CA ARG D 51 -6.90 8.50 7.90
C ARG D 51 -6.95 9.84 7.17
N GLU D 52 -5.99 10.73 7.41
CA GLU D 52 -6.05 12.04 6.78
C GLU D 52 -5.72 11.90 5.30
N GLY D 53 -4.76 11.05 4.98
CA GLY D 53 -4.34 10.87 3.59
C GLY D 53 -4.13 12.19 2.85
N VAL D 54 -3.32 13.09 3.44
CA VAL D 54 -3.07 14.37 2.80
C VAL D 54 -2.43 14.19 1.44
N GLU D 55 -2.71 15.14 0.55
CA GLU D 55 -2.23 15.06 -0.83
C GLU D 55 -0.92 15.81 -1.02
N ALA D 56 -0.60 16.71 -0.09
CA ALA D 56 0.56 17.56 -0.25
C ALA D 56 1.36 17.65 1.02
N ILE D 57 2.67 17.78 0.86
CA ILE D 57 3.50 18.17 1.98
C ILE D 57 4.28 19.44 1.60
N ILE D 58 4.16 20.44 2.45
CA ILE D 58 4.84 21.69 2.25
C ILE D 58 6.21 21.60 2.92
N ILE D 59 7.26 21.91 2.17
CA ILE D 59 8.60 21.97 2.75
C ILE D 59 9.09 23.41 2.72
N ALA D 60 9.30 23.99 3.91
CA ALA D 60 9.76 25.36 4.05
C ALA D 60 10.88 25.48 5.10
N ARG D 61 11.57 26.62 5.14
CA ARG D 61 12.63 26.83 6.16
C ARG D 61 12.02 26.82 7.55
N GLY D 62 10.96 27.62 7.70
CA GLY D 62 10.18 27.65 8.93
C GLY D 62 10.33 28.95 9.71
N VAL D 63 11.09 29.88 9.16
CA VAL D 63 11.30 31.15 9.86
C VAL D 63 10.40 32.24 9.30
N SER D 64 10.39 32.39 7.98
CA SER D 64 9.54 33.39 7.33
C SER D 64 8.11 32.86 7.18
N GLU D 65 7.16 33.59 7.75
CA GLU D 65 5.76 33.20 7.67
C GLU D 65 5.15 33.44 6.29
N ARG D 66 5.63 34.45 5.58
CA ARG D 66 5.16 34.71 4.22
C ARG D 66 5.37 33.50 3.32
N GLU D 67 6.54 32.88 3.44
CA GLU D 67 6.88 31.71 2.63
C GLU D 67 5.90 30.57 2.86
N ILE D 68 5.54 30.34 4.12
CA ILE D 68 4.61 29.29 4.49
C ILE D 68 3.19 29.60 4.02
N GLU D 69 2.80 30.87 4.12
CA GLU D 69 1.47 31.32 3.68
C GLU D 69 1.29 31.13 2.17
N GLN D 70 2.37 31.41 1.44
CA GLN D 70 2.41 31.25 -0.01
C GLN D 70 2.22 29.79 -0.40
N ALA D 71 2.94 28.91 0.30
CA ALA D 71 2.89 27.49 0.02
C ALA D 71 1.52 26.90 0.39
N ALA D 72 0.94 27.41 1.47
CA ALA D 72 -0.40 26.99 1.89
C ALA D 72 -1.42 27.36 0.83
N LYS D 73 -1.31 28.59 0.31
CA LYS D 73 -2.18 29.07 -0.75
C LYS D 73 -2.06 28.21 -1.99
N LEU D 74 -0.82 27.91 -2.37
CA LEU D 74 -0.55 27.12 -3.55
C LEU D 74 -0.99 25.66 -3.38
N ALA D 75 -1.62 25.37 -2.24
CA ALA D 75 -2.09 24.03 -1.95
C ALA D 75 -3.61 24.00 -1.94
N ARG D 76 -4.22 25.02 -1.35
CA ARG D 76 -5.68 25.15 -1.37
C ARG D 76 -6.20 25.27 -2.79
N GLU D 77 -5.44 25.96 -3.63
CA GLU D 77 -5.76 26.13 -5.04
C GLU D 77 -5.84 24.79 -5.77
N LYS D 78 -5.16 23.80 -5.21
CA LYS D 78 -5.12 22.47 -5.80
C LYS D 78 -6.11 21.53 -5.11
N GLY D 79 -6.78 22.04 -4.08
CA GLY D 79 -7.70 21.24 -3.30
C GLY D 79 -6.97 20.17 -2.51
N PHE D 80 -5.72 20.44 -2.16
CA PHE D 80 -4.90 19.50 -1.42
C PHE D 80 -4.94 19.77 0.08
N GLU D 81 -5.23 18.76 0.89
CA GLU D 81 -4.91 18.86 2.31
C GLU D 81 -3.40 18.71 2.46
N ALA D 82 -2.83 19.35 3.46
CA ALA D 82 -1.38 19.39 3.53
C ALA D 82 -0.82 19.13 4.92
N LEU D 83 0.39 18.56 4.92
CA LEU D 83 1.24 18.51 6.09
C LEU D 83 2.34 19.55 5.88
N ALA D 84 2.84 20.15 6.96
CA ALA D 84 3.91 21.13 6.84
C ALA D 84 5.21 20.60 7.43
N PHE D 85 6.29 20.73 6.67
CA PHE D 85 7.61 20.31 7.13
C PHE D 85 8.51 21.55 7.16
N LEU D 86 8.89 21.97 8.36
CA LEU D 86 9.79 23.13 8.53
C LEU D 86 11.22 22.67 8.78
N ALA D 87 12.07 22.80 7.76
CA ALA D 87 13.36 22.12 7.73
C ALA D 87 14.44 22.78 8.59
N GLU D 88 14.34 24.09 8.77
CA GLU D 88 15.32 24.81 9.57
C GLU D 88 14.62 25.62 10.66
N TYR D 89 13.73 24.97 11.39
CA TYR D 89 12.94 25.66 12.42
C TYR D 89 13.76 26.22 13.58
N GLU D 90 13.45 27.46 13.93
CA GLU D 90 14.08 28.12 15.07
C GLU D 90 13.06 28.37 16.19
N ARG D 91 13.40 27.92 17.38
CA ARG D 91 12.53 27.97 18.55
C ARG D 91 12.21 29.38 19.03
N ARG D 92 13.21 30.25 18.92
CA ARG D 92 13.14 31.59 19.51
C ARG D 92 12.63 31.51 20.93
N ASP D 93 11.81 32.46 21.34
CA ASP D 93 11.26 32.43 22.69
C ASP D 93 9.76 32.16 22.66
N ARG D 94 9.32 31.55 21.56
CA ARG D 94 7.89 31.38 21.27
C ARG D 94 7.27 30.12 21.88
N GLN D 95 8.12 29.18 22.30
CA GLN D 95 7.66 27.91 22.87
C GLN D 95 6.59 27.25 21.98
N PHE D 96 6.86 27.28 20.68
CA PHE D 96 6.05 26.63 19.66
C PHE D 96 4.69 27.26 19.44
N ASP D 97 4.44 28.43 20.02
CA ASP D 97 3.19 29.13 19.74
C ASP D 97 3.04 29.45 18.27
N ASP D 98 4.15 29.62 17.56
CA ASP D 98 4.06 29.89 16.14
C ASP D 98 3.56 28.65 15.36
N ILE D 99 3.86 27.45 15.85
CA ILE D 99 3.37 26.23 15.20
C ILE D 99 1.87 26.08 15.41
N ILE D 100 1.43 26.43 16.61
CA ILE D 100 0.02 26.37 16.94
C ILE D 100 -0.79 27.29 16.03
N GLU D 101 -0.31 28.51 15.85
CA GLU D 101 -0.95 29.47 14.95
C GLU D 101 -1.10 28.94 13.53
N TYR D 102 -0.16 28.10 13.07
CA TYR D 102 -0.27 27.51 11.73
C TYR D 102 -1.46 26.54 11.59
N PHE D 103 -1.76 25.80 12.65
CA PHE D 103 -2.92 24.89 12.62
C PHE D 103 -4.20 25.67 12.41
N GLU D 104 -4.33 26.73 13.19
CA GLU D 104 -5.50 27.60 13.15
C GLU D 104 -5.65 28.26 11.78
N ARG D 105 -4.57 28.88 11.32
CA ARG D 105 -4.61 29.74 10.15
C ARG D 105 -4.56 29.00 8.81
N TYR D 106 -3.90 27.85 8.77
CA TYR D 106 -3.71 27.18 7.49
C TYR D 106 -4.41 25.84 7.41
N GLY D 107 -4.73 25.26 8.56
CA GLY D 107 -5.43 23.99 8.58
C GLY D 107 -4.56 22.81 8.20
N PHE D 108 -3.27 22.87 8.54
CA PHE D 108 -2.38 21.75 8.32
C PHE D 108 -2.84 20.58 9.17
N LYS D 109 -2.76 19.37 8.65
CA LYS D 109 -3.16 18.19 9.42
C LYS D 109 -2.07 17.80 10.41
N ALA D 110 -0.82 18.15 10.08
CA ALA D 110 0.27 17.98 11.02
C ALA D 110 1.41 18.91 10.67
N VAL D 111 2.30 19.11 11.62
CA VAL D 111 3.48 19.93 11.36
C VAL D 111 4.69 19.17 11.85
N ILE D 112 5.69 19.08 11.00
CA ILE D 112 6.96 18.51 11.41
C ILE D 112 7.98 19.66 11.47
N VAL D 113 8.69 19.80 12.58
CA VAL D 113 9.77 20.75 12.61
C VAL D 113 11.10 20.06 12.84
N ALA D 114 12.10 20.45 12.06
CA ALA D 114 13.44 19.92 12.26
C ALA D 114 14.19 20.93 13.11
N THR D 115 14.69 20.51 14.27
CA THR D 115 15.32 21.45 15.21
C THR D 115 16.78 21.14 15.49
N GLY D 116 17.45 22.09 16.13
CA GLY D 116 18.84 21.93 16.52
C GLY D 116 18.98 21.29 17.89
N LEU D 117 17.87 20.97 18.52
CA LEU D 117 17.90 20.31 19.83
C LEU D 117 18.03 18.81 19.70
N ASP D 118 18.62 18.18 20.71
CA ASP D 118 18.63 16.73 20.76
C ASP D 118 17.28 16.27 21.32
N GLU D 119 16.98 14.99 21.10
CA GLU D 119 15.69 14.39 21.44
C GLU D 119 15.19 14.71 22.86
N LYS D 120 16.08 14.61 23.85
CA LYS D 120 15.68 14.79 25.25
C LYS D 120 15.21 16.21 25.59
N GLU D 121 15.89 17.22 25.05
CA GLU D 121 15.50 18.61 25.27
C GLU D 121 14.22 18.90 24.50
N LEU D 122 14.10 18.23 23.36
CA LEU D 122 12.96 18.41 22.47
C LEU D 122 11.69 17.86 23.12
N LYS D 123 11.79 16.67 23.71
CA LYS D 123 10.68 16.10 24.46
C LYS D 123 10.26 17.02 25.59
N GLN D 124 11.26 17.63 26.23
CA GLN D 124 11.03 18.56 27.32
C GLN D 124 10.35 19.86 26.85
N ALA D 125 10.98 20.54 25.91
CA ALA D 125 10.48 21.82 25.40
C ALA D 125 9.09 21.69 24.77
N ALA D 126 8.80 20.50 24.24
CA ALA D 126 7.50 20.28 23.60
C ALA D 126 6.33 20.27 24.59
N GLN D 127 6.63 20.03 25.88
CA GLN D 127 5.58 19.90 26.91
C GLN D 127 4.62 21.07 26.94
N LYS D 128 5.07 22.26 26.56
CA LYS D 128 4.22 23.44 26.56
C LYS D 128 3.06 23.33 25.56
N ILE D 129 3.32 22.72 24.41
CA ILE D 129 2.28 22.61 23.39
C ILE D 129 1.27 21.51 23.72
N GLU D 130 1.74 20.45 24.38
CA GLU D 130 0.86 19.40 24.86
C GLU D 130 -0.01 19.87 26.00
N GLU D 131 0.48 20.87 26.73
CA GLU D 131 -0.31 21.48 27.79
C GLU D 131 -1.53 22.23 27.22
N LYS D 132 -1.46 22.55 25.93
CA LYS D 132 -2.54 23.21 25.23
C LYS D 132 -3.39 22.19 24.48
N GLY D 133 -3.02 20.93 24.56
CA GLY D 133 -3.83 19.92 23.94
C GLY D 133 -3.24 19.35 22.67
N PHE D 134 -2.31 20.07 22.05
CA PHE D 134 -1.73 19.55 20.83
C PHE D 134 -0.81 18.38 21.14
N LYS D 135 -0.97 17.28 20.42
CA LYS D 135 -0.13 16.12 20.66
C LYS D 135 1.13 16.30 19.86
N ALA D 136 2.26 15.97 20.48
CA ALA D 136 3.58 16.22 19.93
C ALA D 136 4.50 15.04 20.19
N LEU D 137 5.21 14.61 19.16
CA LEU D 137 6.12 13.48 19.32
C LEU D 137 7.50 13.85 18.84
N ALA D 138 8.49 13.65 19.71
CA ALA D 138 9.87 13.94 19.37
C ALA D 138 10.50 12.64 18.89
N PHE D 139 11.26 12.73 17.81
CA PHE D 139 11.94 11.54 17.31
C PHE D 139 13.26 11.88 16.71
N SER D 140 14.12 10.87 16.65
CA SER D 140 15.50 11.03 16.26
C SER D 140 15.65 11.32 14.76
N GLY D 141 16.71 12.03 14.40
CA GLY D 141 17.00 12.43 13.03
C GLY D 141 17.71 13.78 12.97
N ARG D 142 18.40 14.05 11.87
CA ARG D 142 19.04 15.36 11.65
C ARG D 142 18.76 15.81 10.23
N ILE D 143 18.58 17.11 10.02
CA ILE D 143 18.13 17.61 8.72
C ILE D 143 19.11 17.32 7.58
N ASP D 144 20.40 17.31 7.89
CA ASP D 144 21.42 17.10 6.85
C ASP D 144 21.78 15.62 6.66
N GLN D 145 21.56 14.84 7.71
CA GLN D 145 21.99 13.45 7.75
C GLN D 145 20.86 12.48 7.46
N GLU D 146 21.21 11.34 6.85
CA GLU D 146 20.27 10.25 6.59
C GLU D 146 19.30 9.98 7.75
N ASN D 147 18.00 10.14 7.47
CA ASN D 147 16.96 10.01 8.46
CA ASN D 147 16.98 9.93 8.49
C ASN D 147 15.96 8.89 8.10
N HIS D 148 16.08 7.73 8.72
CA HIS D 148 15.16 6.64 8.45
C HIS D 148 13.74 6.96 8.90
N ASN D 149 13.59 7.69 10.01
CA ASN D 149 12.26 8.10 10.47
C ASN D 149 11.54 9.02 9.49
N ILE D 150 12.26 10.01 8.97
CA ILE D 150 11.71 10.85 7.93
C ILE D 150 11.30 10.01 6.70
N ASN D 151 12.11 9.03 6.36
CA ASN D 151 11.75 8.12 5.27
C ASN D 151 10.46 7.34 5.59
N ASP D 152 10.28 6.93 6.83
CA ASP D 152 9.05 6.22 7.22
C ASP D 152 7.83 7.12 7.04
N ILE D 153 8.03 8.40 7.34
CA ILE D 153 6.93 9.35 7.24
C ILE D 153 6.55 9.59 5.78
N PHE D 154 7.55 9.89 4.95
CA PHE D 154 7.28 10.14 3.55
C PHE D 154 6.70 8.91 2.83
N GLU D 155 7.21 7.73 3.14
CA GLU D 155 6.72 6.52 2.52
C GLU D 155 5.24 6.32 2.86
N LEU D 156 4.89 6.46 4.13
CA LEU D 156 3.51 6.26 4.58
C LEU D 156 2.62 7.31 3.95
N LEU D 157 3.09 8.56 3.93
CA LEU D 157 2.35 9.61 3.21
C LEU D 157 2.08 9.18 1.76
N GLN D 158 3.10 8.70 1.08
CA GLN D 158 2.93 8.23 -0.30
C GLN D 158 1.89 7.13 -0.38
N ARG D 159 1.97 6.15 0.50
CA ARG D 159 1.05 5.03 0.44
C ARG D 159 -0.39 5.48 0.67
N GLN D 160 -0.55 6.56 1.42
CA GLN D 160 -1.88 7.01 1.83
C GLN D 160 -2.47 8.13 0.94
N GLY D 161 -1.75 8.50 -0.11
CA GLY D 161 -2.31 9.42 -1.10
C GLY D 161 -1.52 10.69 -1.38
N LEU D 162 -0.29 10.80 -0.85
CA LEU D 162 0.53 11.97 -1.14
C LEU D 162 0.74 12.10 -2.65
N ARG D 163 0.53 13.30 -3.18
CA ARG D 163 0.66 13.52 -4.61
C ARG D 163 1.78 14.50 -4.92
N ALA D 164 2.01 15.44 -4.01
CA ALA D 164 2.94 16.52 -4.32
C ALA D 164 3.77 17.02 -3.15
N ILE D 165 4.99 17.41 -3.47
CA ILE D 165 5.81 18.20 -2.56
C ILE D 165 5.71 19.64 -2.99
N ILE D 166 5.34 20.52 -2.06
CA ILE D 166 5.32 21.95 -2.37
C ILE D 166 6.52 22.62 -1.72
N ALA D 167 7.50 22.96 -2.54
CA ALA D 167 8.72 23.59 -2.08
C ALA D 167 8.52 25.08 -1.96
N ALA D 168 8.45 25.57 -0.73
CA ALA D 168 8.30 27.01 -0.52
C ALA D 168 9.55 27.74 -1.00
N THR D 169 9.41 29.03 -1.27
CA THR D 169 10.55 29.85 -1.69
C THR D 169 11.53 29.95 -0.54
N GLY D 170 12.82 30.05 -0.86
CA GLY D 170 13.83 30.34 0.14
C GLY D 170 14.51 29.13 0.76
N LEU D 171 14.18 27.94 0.28
CA LEU D 171 14.82 26.73 0.79
C LEU D 171 16.31 26.71 0.45
N SER D 172 17.09 26.03 1.27
CA SER D 172 18.50 25.80 0.97
C SER D 172 18.61 24.82 -0.19
N GLU D 173 19.78 24.79 -0.82
CA GLU D 173 20.02 23.88 -1.93
C GLU D 173 20.03 22.44 -1.42
N ARG D 174 20.33 22.28 -0.14
CA ARG D 174 20.29 20.97 0.50
C ARG D 174 18.87 20.42 0.56
N GLU D 175 17.94 21.22 1.06
CA GLU D 175 16.53 20.80 1.14
C GLU D 175 15.91 20.64 -0.25
N LEU D 176 16.31 21.51 -1.18
CA LEU D 176 15.80 21.44 -2.55
C LEU D 176 16.23 20.16 -3.26
N SER D 177 17.50 19.79 -3.12
CA SER D 177 17.99 18.57 -3.73
C SER D 177 17.34 17.37 -3.04
N TRP D 178 17.19 17.48 -1.72
CA TRP D 178 16.53 16.43 -0.97
C TRP D 178 15.07 16.28 -1.39
N ALA D 179 14.39 17.39 -1.59
CA ALA D 179 13.00 17.37 -2.02
C ALA D 179 12.89 16.73 -3.41
N GLN D 180 13.85 17.04 -4.26
CA GLN D 180 13.84 16.54 -5.62
C GLN D 180 14.10 15.04 -5.68
N ARG D 181 15.04 14.55 -4.86
CA ARG D 181 15.32 13.11 -4.80
C ARG D 181 14.11 12.38 -4.23
N ALA D 182 13.45 13.01 -3.26
CA ALA D 182 12.28 12.46 -2.61
C ALA D 182 11.09 12.37 -3.57
N ALA D 183 10.92 13.37 -4.43
CA ALA D 183 9.85 13.33 -5.40
C ALA D 183 10.11 12.19 -6.38
N GLN D 184 11.37 12.00 -6.73
CA GLN D 184 11.78 10.91 -7.60
C GLN D 184 11.63 9.57 -6.90
N GLN D 185 11.96 9.50 -5.62
CA GLN D 185 11.88 8.21 -4.94
C GLN D 185 10.42 7.73 -4.82
N TYR D 186 9.51 8.64 -4.52
CA TYR D 186 8.13 8.28 -4.21
C TYR D 186 7.14 8.59 -5.35
N GLY D 187 7.67 8.99 -6.51
CA GLY D 187 6.84 9.31 -7.64
C GLY D 187 5.87 10.47 -7.40
N LEU D 188 6.39 11.56 -6.88
CA LEU D 188 5.57 12.74 -6.57
C LEU D 188 5.84 13.89 -7.52
N ASP D 189 4.84 14.72 -7.73
CA ASP D 189 5.04 16.01 -8.38
C ASP D 189 5.73 16.95 -7.40
N ILE D 190 6.59 17.81 -7.91
CA ILE D 190 7.20 18.79 -7.04
C ILE D 190 6.84 20.17 -7.59
N ILE D 191 6.25 20.99 -6.73
CA ILE D 191 5.74 22.30 -7.11
C ILE D 191 6.49 23.43 -6.42
N PHE D 192 6.90 24.44 -7.19
CA PHE D 192 7.59 25.60 -6.62
C PHE D 192 6.67 26.82 -6.60
#